data_1MOZ
#
_entry.id   1MOZ
#
_cell.length_a   104.250
_cell.length_b   104.250
_cell.length_c   45.690
_cell.angle_alpha   90.00
_cell.angle_beta   90.00
_cell.angle_gamma   120.00
#
_symmetry.space_group_name_H-M   'P 31'
#
loop_
_entity.id
_entity.type
_entity.pdbx_description
1 polymer 'ADP-ribosylation factor-like protein 1'
2 non-polymer "GUANOSINE-5'-DIPHOSPHATE"
3 water water
#
_entity_poly.entity_id   1
_entity_poly.type   'polypeptide(L)'
_entity_poly.pdbx_seq_one_letter_code
;MGNIFSSMFDKLWGSNKELRILILGLDGAGKTTILYRLQIGEVVTTKPTIGFNVETLSYKNLKLNVWDLGGQTSIRPYWR
CYYADTAAVIFVVDSTDKDRMSTASKELHLMLQEEELQDAALLVFANKQDQPGALSASEVSKELNLVELKDRSWSIVASS
AIKGEGITEGLDWLIDVIKEEQL
;
_entity_poly.pdbx_strand_id   A,B
#
# COMPACT_ATOMS: atom_id res chain seq x y z
N GLY A 2 2.55 3.86 -31.56
CA GLY A 2 1.80 4.34 -30.40
C GLY A 2 2.31 5.71 -29.96
N ASN A 3 3.03 6.38 -30.85
CA ASN A 3 3.58 7.67 -30.51
C ASN A 3 2.56 8.80 -30.47
N ILE A 4 1.41 8.66 -31.12
CA ILE A 4 0.42 9.72 -30.98
C ILE A 4 0.01 9.75 -29.51
N PHE A 5 -0.14 8.56 -28.92
CA PHE A 5 -0.50 8.48 -27.52
C PHE A 5 0.59 9.11 -26.69
N SER A 6 1.84 8.82 -27.03
CA SER A 6 2.94 9.41 -26.28
C SER A 6 2.99 10.92 -26.42
N SER A 7 2.67 11.43 -27.60
CA SER A 7 2.67 12.85 -27.83
C SER A 7 1.60 13.47 -26.98
N MET A 8 0.53 12.73 -26.78
CA MET A 8 -0.57 13.24 -25.97
C MET A 8 -0.11 13.32 -24.52
N PHE A 9 0.51 12.26 -24.04
CA PHE A 9 0.95 12.28 -22.67
C PHE A 9 2.10 13.21 -22.42
N ASP A 10 2.75 13.68 -23.50
CA ASP A 10 3.87 14.59 -23.35
C ASP A 10 3.39 15.93 -22.93
N LYS A 11 2.07 16.15 -22.98
CA LYS A 11 1.52 17.42 -22.57
C LYS A 11 1.51 17.53 -21.05
N LEU A 12 1.82 16.45 -20.36
CA LEU A 12 1.82 16.49 -18.91
C LEU A 12 3.25 16.65 -18.39
N TRP A 13 4.19 16.83 -19.30
CA TRP A 13 5.58 17.01 -18.92
C TRP A 13 5.71 18.40 -18.34
N GLY A 14 6.37 18.50 -17.19
CA GLY A 14 6.53 19.80 -16.55
C GLY A 14 5.95 19.80 -15.15
N SER A 15 5.04 18.87 -14.86
CA SER A 15 4.46 18.79 -13.53
C SER A 15 5.62 18.72 -12.53
N ASN A 16 5.51 19.47 -11.44
CA ASN A 16 6.59 19.46 -10.46
C ASN A 16 6.67 18.18 -9.64
N LYS A 17 5.83 17.21 -9.95
CA LYS A 17 5.80 15.91 -9.24
C LYS A 17 5.24 14.88 -10.20
N GLU A 18 5.85 13.69 -10.24
CA GLU A 18 5.36 12.63 -11.12
C GLU A 18 3.85 12.47 -10.95
N LEU A 19 3.13 12.38 -12.07
CA LEU A 19 1.68 12.23 -12.01
C LEU A 19 1.22 10.79 -12.10
N ARG A 20 0.09 10.50 -11.48
CA ARG A 20 -0.42 9.15 -11.47
C ARG A 20 -1.87 9.04 -11.95
N ILE A 21 -2.14 8.03 -12.74
CA ILE A 21 -3.48 7.85 -13.24
C ILE A 21 -3.84 6.41 -12.93
N LEU A 22 -5.04 6.22 -12.40
CA LEU A 22 -5.52 4.88 -12.06
C LEU A 22 -6.62 4.43 -13.02
N ILE A 23 -6.41 3.28 -13.65
CA ILE A 23 -7.43 2.68 -14.52
C ILE A 23 -8.09 1.63 -13.67
N LEU A 24 -9.36 1.88 -13.30
CA LEU A 24 -10.04 0.96 -12.40
C LEU A 24 -11.39 0.45 -12.89
N GLY A 25 -11.91 -0.56 -12.19
CA GLY A 25 -13.20 -1.11 -12.52
C GLY A 25 -13.28 -2.59 -12.26
N LEU A 26 -14.48 -3.15 -12.33
CA LEU A 26 -14.67 -4.58 -12.13
C LEU A 26 -13.88 -5.33 -13.18
N ASP A 27 -13.37 -6.51 -12.84
CA ASP A 27 -12.60 -7.26 -13.81
C ASP A 27 -13.46 -7.50 -15.04
N GLY A 28 -12.81 -7.78 -16.16
CA GLY A 28 -13.52 -8.03 -17.39
C GLY A 28 -13.93 -6.77 -18.13
N ALA A 29 -13.94 -5.63 -17.44
CA ALA A 29 -14.32 -4.37 -18.06
C ALA A 29 -13.44 -4.01 -19.26
N GLY A 30 -12.22 -4.55 -19.28
CA GLY A 30 -11.31 -4.26 -20.37
C GLY A 30 -10.21 -3.27 -20.03
N LYS A 31 -9.91 -3.12 -18.74
CA LYS A 31 -8.87 -2.19 -18.32
C LYS A 31 -7.51 -2.57 -18.90
N THR A 32 -7.09 -3.81 -18.68
CA THR A 32 -5.80 -4.25 -19.21
C THR A 32 -5.68 -3.89 -20.69
N THR A 33 -6.69 -4.29 -21.45
CA THR A 33 -6.70 -4.02 -22.88
C THR A 33 -6.35 -2.57 -23.17
N ILE A 34 -7.08 -1.63 -22.55
CA ILE A 34 -6.79 -0.22 -22.76
C ILE A 34 -5.31 0.09 -22.46
N LEU A 35 -4.79 -0.46 -21.36
CA LEU A 35 -3.41 -0.20 -20.97
C LEU A 35 -2.45 -0.63 -22.04
N TYR A 36 -2.63 -1.85 -22.55
CA TYR A 36 -1.76 -2.34 -23.59
C TYR A 36 -2.04 -1.62 -24.90
N ARG A 37 -3.22 -1.04 -25.03
CA ARG A 37 -3.59 -0.34 -26.26
C ARG A 37 -2.65 0.81 -26.53
N LEU A 38 -2.24 1.51 -25.47
CA LEU A 38 -1.34 2.67 -25.56
C LEU A 38 -0.02 2.43 -26.26
N GLN A 39 0.59 1.27 -26.05
CA GLN A 39 1.86 0.96 -26.71
C GLN A 39 2.96 2.01 -26.50
N ILE A 40 3.12 2.46 -25.25
CA ILE A 40 4.14 3.43 -24.90
C ILE A 40 4.79 2.94 -23.62
N GLY A 41 5.94 3.51 -23.27
CA GLY A 41 6.65 3.15 -22.06
C GLY A 41 6.69 1.67 -21.77
N GLU A 42 6.94 1.30 -20.52
CA GLU A 42 7.01 -0.10 -20.13
C GLU A 42 5.98 -0.49 -19.05
N VAL A 43 5.47 -1.73 -19.13
CA VAL A 43 4.51 -2.23 -18.16
C VAL A 43 5.09 -3.37 -17.35
N VAL A 44 4.86 -3.34 -16.03
CA VAL A 44 5.36 -4.38 -15.13
C VAL A 44 4.30 -4.76 -14.09
N THR A 45 4.11 -6.06 -13.89
CA THR A 45 3.12 -6.53 -12.91
C THR A 45 3.73 -6.78 -11.53
N THR A 46 3.02 -6.35 -10.49
CA THR A 46 3.53 -6.53 -9.15
C THR A 46 2.43 -6.95 -8.17
N LYS A 47 2.80 -7.68 -7.13
CA LYS A 47 1.84 -8.12 -6.12
C LYS A 47 2.23 -7.57 -4.74
N PRO A 48 2.03 -6.25 -4.51
CA PRO A 48 2.37 -5.58 -3.25
C PRO A 48 1.85 -6.32 -2.02
N THR A 49 0.55 -6.58 -1.98
CA THR A 49 -0.04 -7.32 -0.87
C THR A 49 -0.42 -8.68 -1.42
N ILE A 50 -1.00 -9.54 -0.58
CA ILE A 50 -1.39 -10.86 -1.03
C ILE A 50 -2.74 -10.76 -1.72
N GLY A 51 -2.96 -11.61 -2.71
CA GLY A 51 -4.22 -11.58 -3.43
C GLY A 51 -4.53 -10.18 -3.95
N PHE A 52 -3.53 -9.55 -4.55
CA PHE A 52 -3.68 -8.21 -5.11
C PHE A 52 -2.59 -7.99 -6.16
N ASN A 53 -3.01 -7.76 -7.40
CA ASN A 53 -2.07 -7.56 -8.50
C ASN A 53 -2.25 -6.26 -9.28
N VAL A 54 -1.22 -5.44 -9.27
CA VAL A 54 -1.26 -4.18 -9.98
C VAL A 54 -0.36 -4.21 -11.20
N GLU A 55 -0.91 -3.76 -12.31
CA GLU A 55 -0.17 -3.66 -13.54
C GLU A 55 0.16 -2.20 -13.71
N THR A 56 1.44 -1.88 -13.82
CA THR A 56 1.87 -0.50 -13.91
C THR A 56 2.58 -0.12 -15.18
N LEU A 57 2.07 0.90 -15.86
CA LEU A 57 2.69 1.38 -17.09
C LEU A 57 3.40 2.67 -16.68
N SER A 58 4.69 2.71 -16.92
CA SER A 58 5.49 3.87 -16.57
C SER A 58 5.94 4.64 -17.80
N TYR A 59 5.46 5.86 -17.95
CA TYR A 59 5.83 6.65 -19.11
C TYR A 59 6.39 8.00 -18.72
N LYS A 60 7.62 8.25 -19.17
CA LYS A 60 8.33 9.47 -18.93
C LYS A 60 7.62 10.45 -18.02
N ASN A 61 7.62 10.26 -16.70
CA ASN A 61 7.02 11.23 -15.78
C ASN A 61 5.58 10.95 -15.34
N LEU A 62 5.00 9.91 -15.91
CA LEU A 62 3.64 9.52 -15.56
C LEU A 62 3.62 8.06 -15.13
N LYS A 63 2.62 7.70 -14.32
CA LYS A 63 2.43 6.34 -13.87
C LYS A 63 0.98 5.94 -14.08
N LEU A 64 0.77 4.82 -14.76
CA LEU A 64 -0.57 4.34 -14.99
C LEU A 64 -0.66 3.04 -14.23
N ASN A 65 -1.63 2.97 -13.32
CA ASN A 65 -1.85 1.79 -12.49
C ASN A 65 -3.22 1.18 -12.71
N VAL A 66 -3.24 -0.13 -12.95
CA VAL A 66 -4.48 -0.84 -13.18
C VAL A 66 -4.65 -2.09 -12.31
N TRP A 67 -5.74 -2.11 -11.55
CA TRP A 67 -6.06 -3.24 -10.68
C TRP A 67 -7.58 -3.37 -10.64
N ASP A 68 -8.06 -4.60 -10.49
CA ASP A 68 -9.49 -4.88 -10.45
C ASP A 68 -10.18 -4.52 -9.14
N LEU A 69 -11.42 -4.08 -9.24
CA LEU A 69 -12.23 -3.70 -8.08
C LEU A 69 -13.26 -4.77 -7.71
N GLY A 70 -13.45 -4.97 -6.41
CA GLY A 70 -14.42 -5.96 -5.94
C GLY A 70 -13.76 -7.21 -5.39
N ILE A 75 -12.40 -2.36 -0.39
CA ILE A 75 -11.37 -1.38 -0.71
C ILE A 75 -10.15 -1.48 0.21
N ARG A 76 -9.51 -2.65 0.19
CA ARG A 76 -8.32 -2.93 1.00
C ARG A 76 -7.34 -1.74 1.00
N PRO A 77 -7.05 -1.18 2.19
CA PRO A 77 -6.14 -0.05 2.42
C PRO A 77 -4.74 -0.09 1.76
N TYR A 78 -4.38 -1.21 1.17
CA TYR A 78 -3.08 -1.31 0.51
C TYR A 78 -3.09 -0.35 -0.67
N TRP A 79 -4.29 -0.03 -1.15
CA TRP A 79 -4.48 0.88 -2.28
C TRP A 79 -4.24 2.32 -1.88
N ARG A 80 -4.77 2.74 -0.71
CA ARG A 80 -4.63 4.13 -0.25
C ARG A 80 -3.25 4.70 -0.59
N CYS A 81 -2.32 3.81 -0.83
CA CYS A 81 -0.94 4.12 -1.15
C CYS A 81 -0.78 4.89 -2.46
N TYR A 82 -1.70 4.71 -3.38
CA TYR A 82 -1.61 5.31 -4.69
C TYR A 82 -2.41 6.59 -4.84
N TYR A 83 -3.42 6.77 -4.01
CA TYR A 83 -4.27 7.96 -4.08
C TYR A 83 -3.56 9.30 -3.91
N ALA A 84 -2.37 9.27 -3.31
CA ALA A 84 -1.62 10.50 -3.06
C ALA A 84 -1.35 11.33 -4.31
N ASP A 85 -0.54 10.80 -5.21
CA ASP A 85 -0.19 11.55 -6.41
C ASP A 85 -1.18 11.35 -7.56
N THR A 86 -2.26 10.61 -7.29
CA THR A 86 -3.27 10.35 -8.32
C THR A 86 -3.89 11.62 -8.86
N ALA A 87 -3.81 11.80 -10.17
CA ALA A 87 -4.37 12.98 -10.84
C ALA A 87 -5.76 12.73 -11.43
N ALA A 88 -6.11 11.48 -11.63
CA ALA A 88 -7.40 11.16 -12.21
C ALA A 88 -7.56 9.67 -12.26
N VAL A 89 -8.80 9.24 -12.41
CA VAL A 89 -9.06 7.81 -12.49
C VAL A 89 -9.88 7.59 -13.72
N ILE A 90 -9.53 6.54 -14.45
CA ILE A 90 -10.22 6.16 -15.66
C ILE A 90 -11.04 4.96 -15.25
N PHE A 91 -12.36 5.13 -15.21
CA PHE A 91 -13.24 4.05 -14.83
C PHE A 91 -13.81 3.28 -15.99
N VAL A 92 -13.33 2.06 -16.13
CA VAL A 92 -13.73 1.16 -17.19
C VAL A 92 -14.90 0.31 -16.76
N VAL A 93 -15.99 0.42 -17.50
CA VAL A 93 -17.21 -0.32 -17.24
C VAL A 93 -17.61 -1.20 -18.42
N ASP A 94 -17.80 -2.49 -18.19
CA ASP A 94 -18.24 -3.39 -19.26
C ASP A 94 -19.73 -3.14 -19.51
N SER A 95 -20.04 -2.58 -20.69
CA SER A 95 -21.41 -2.24 -21.07
C SER A 95 -22.35 -3.43 -21.40
N THR A 96 -21.81 -4.64 -21.45
CA THR A 96 -22.63 -5.83 -21.72
C THR A 96 -22.70 -6.72 -20.49
N ASP A 97 -22.95 -6.11 -19.33
CA ASP A 97 -23.01 -6.82 -18.06
C ASP A 97 -23.95 -6.04 -17.15
N LYS A 98 -25.24 -6.07 -17.48
CA LYS A 98 -26.25 -5.35 -16.72
C LYS A 98 -26.33 -5.81 -15.27
N ASP A 99 -25.87 -7.04 -15.02
CA ASP A 99 -25.88 -7.60 -13.67
C ASP A 99 -24.95 -6.78 -12.77
N ARG A 100 -23.66 -7.05 -12.90
CA ARG A 100 -22.62 -6.38 -12.12
C ARG A 100 -22.67 -4.85 -12.23
N MET A 101 -23.41 -4.36 -13.20
CA MET A 101 -23.55 -2.93 -13.39
C MET A 101 -23.80 -2.24 -12.04
N SER A 102 -24.58 -2.90 -11.18
CA SER A 102 -24.90 -2.36 -9.86
C SER A 102 -23.65 -2.34 -9.00
N THR A 103 -22.99 -3.49 -8.92
CA THR A 103 -21.77 -3.61 -8.14
C THR A 103 -20.82 -2.48 -8.51
N ALA A 104 -20.50 -2.39 -9.80
CA ALA A 104 -19.60 -1.35 -10.33
C ALA A 104 -19.96 0.04 -9.79
N SER A 105 -21.19 0.46 -10.01
CA SER A 105 -21.64 1.76 -9.55
C SER A 105 -21.25 1.97 -8.10
N LYS A 106 -21.34 0.90 -7.32
CA LYS A 106 -20.98 0.96 -5.90
C LYS A 106 -19.47 1.19 -5.79
N GLU A 107 -18.69 0.19 -6.18
CA GLU A 107 -17.23 0.27 -6.14
C GLU A 107 -16.68 1.61 -6.61
N LEU A 108 -17.33 2.19 -7.62
CA LEU A 108 -16.91 3.47 -8.18
C LEU A 108 -17.10 4.61 -7.18
N HIS A 109 -18.25 4.63 -6.51
CA HIS A 109 -18.51 5.69 -5.54
C HIS A 109 -17.71 5.56 -4.28
N LEU A 110 -17.45 4.33 -3.87
CA LEU A 110 -16.62 4.13 -2.69
C LEU A 110 -15.30 4.82 -3.03
N MET A 111 -14.74 4.43 -4.18
CA MET A 111 -13.50 4.97 -4.68
C MET A 111 -13.56 6.49 -4.68
N LEU A 112 -14.47 7.05 -5.48
CA LEU A 112 -14.62 8.49 -5.58
C LEU A 112 -15.00 9.16 -4.27
N GLN A 113 -15.17 8.38 -3.20
CA GLN A 113 -15.51 8.90 -1.88
C GLN A 113 -14.27 9.08 -0.98
N GLU A 114 -13.14 8.54 -1.43
CA GLU A 114 -11.86 8.63 -0.70
C GLU A 114 -11.44 10.10 -0.64
N GLU A 115 -10.83 10.52 0.46
CA GLU A 115 -10.42 11.93 0.63
C GLU A 115 -9.29 12.43 -0.28
N GLU A 116 -8.30 11.58 -0.55
CA GLU A 116 -7.17 11.96 -1.39
C GLU A 116 -7.53 12.09 -2.86
N LEU A 117 -8.63 11.50 -3.26
CA LEU A 117 -9.07 11.59 -4.64
C LEU A 117 -10.07 12.73 -4.78
N GLN A 118 -10.07 13.63 -3.81
CA GLN A 118 -10.97 14.78 -3.80
C GLN A 118 -10.92 15.57 -5.10
N ASP A 119 -9.75 15.69 -5.71
CA ASP A 119 -9.59 16.46 -6.95
C ASP A 119 -9.38 15.68 -8.24
N ALA A 120 -9.17 14.36 -8.13
CA ALA A 120 -8.97 13.53 -9.31
C ALA A 120 -10.07 13.73 -10.34
N ALA A 121 -9.70 13.78 -11.62
CA ALA A 121 -10.67 13.95 -12.68
C ALA A 121 -11.14 12.55 -13.01
N LEU A 122 -12.35 12.44 -13.54
CA LEU A 122 -12.88 11.12 -13.87
C LEU A 122 -13.26 10.96 -15.33
N LEU A 123 -12.84 9.84 -15.91
CA LEU A 123 -13.12 9.52 -17.27
C LEU A 123 -13.72 8.14 -17.21
N VAL A 124 -14.97 7.98 -17.60
CA VAL A 124 -15.58 6.67 -17.57
C VAL A 124 -15.63 6.12 -18.99
N PHE A 125 -15.27 4.86 -19.14
CA PHE A 125 -15.29 4.24 -20.45
C PHE A 125 -16.42 3.21 -20.56
N ALA A 126 -17.52 3.60 -21.22
CA ALA A 126 -18.60 2.67 -21.47
C ALA A 126 -18.02 1.75 -22.53
N ASN A 127 -17.27 0.75 -22.11
CA ASN A 127 -16.59 -0.15 -23.04
C ASN A 127 -17.39 -1.35 -23.54
N LYS A 128 -16.88 -1.89 -24.64
CA LYS A 128 -17.49 -3.03 -25.33
C LYS A 128 -18.71 -2.69 -26.17
N GLN A 129 -18.82 -1.43 -26.58
CA GLN A 129 -19.94 -0.96 -27.41
C GLN A 129 -20.10 -1.73 -28.70
N ASP A 130 -19.10 -2.53 -29.04
CA ASP A 130 -19.14 -3.31 -30.25
C ASP A 130 -19.94 -4.57 -30.04
N GLN A 131 -20.08 -4.97 -28.77
CA GLN A 131 -20.82 -6.18 -28.43
C GLN A 131 -22.34 -6.07 -28.42
N PRO A 132 -23.02 -7.21 -28.69
CA PRO A 132 -24.48 -7.31 -28.73
C PRO A 132 -25.10 -7.08 -27.35
N GLY A 133 -26.00 -6.12 -27.28
CA GLY A 133 -26.64 -5.81 -26.01
C GLY A 133 -25.75 -5.07 -25.05
N ALA A 134 -25.18 -3.96 -25.51
CA ALA A 134 -24.32 -3.16 -24.68
C ALA A 134 -24.99 -1.82 -24.43
N LEU A 135 -25.30 -1.55 -23.16
CA LEU A 135 -25.95 -0.29 -22.80
C LEU A 135 -25.22 0.92 -23.39
N SER A 136 -25.98 1.91 -23.82
CA SER A 136 -25.41 3.13 -24.40
C SER A 136 -24.56 3.84 -23.36
N ALA A 137 -23.78 4.82 -23.82
CA ALA A 137 -22.94 5.59 -22.92
C ALA A 137 -23.88 6.25 -21.92
N SER A 138 -24.82 7.03 -22.44
CA SER A 138 -25.79 7.73 -21.61
C SER A 138 -26.54 6.80 -20.68
N GLU A 139 -26.74 5.55 -21.09
CA GLU A 139 -27.42 4.58 -20.23
C GLU A 139 -26.55 4.28 -19.02
N VAL A 140 -25.23 4.30 -19.20
CA VAL A 140 -24.29 4.03 -18.11
C VAL A 140 -24.13 5.29 -17.26
N SER A 141 -24.12 6.47 -17.87
CA SER A 141 -23.98 7.72 -17.10
C SER A 141 -25.12 7.80 -16.10
N LYS A 142 -26.21 7.10 -16.40
CA LYS A 142 -27.40 7.06 -15.55
C LYS A 142 -27.25 6.00 -14.45
N GLU A 143 -26.88 4.79 -14.87
CA GLU A 143 -26.69 3.67 -13.96
C GLU A 143 -25.56 3.89 -12.94
N LEU A 144 -24.73 4.90 -13.17
CA LEU A 144 -23.62 5.20 -12.26
C LEU A 144 -23.89 6.48 -11.50
N ASN A 145 -24.98 7.17 -11.86
CA ASN A 145 -25.35 8.42 -11.21
C ASN A 145 -24.31 9.48 -11.42
N LEU A 146 -23.50 9.33 -12.46
CA LEU A 146 -22.44 10.31 -12.74
C LEU A 146 -23.03 11.71 -12.76
N VAL A 147 -24.36 11.77 -12.83
CA VAL A 147 -25.06 13.04 -12.87
C VAL A 147 -25.05 13.65 -11.47
N GLU A 148 -25.24 12.79 -10.48
CA GLU A 148 -25.28 13.19 -9.08
C GLU A 148 -23.90 13.64 -8.59
N LEU A 149 -22.84 13.18 -9.24
CA LEU A 149 -21.48 13.57 -8.85
C LEU A 149 -21.34 15.08 -8.99
N LYS A 150 -20.84 15.73 -7.94
CA LYS A 150 -20.67 17.19 -7.94
C LYS A 150 -19.27 17.61 -7.48
N ASP A 151 -18.86 18.81 -7.90
CA ASP A 151 -17.54 19.35 -7.58
C ASP A 151 -16.47 18.34 -8.04
N ARG A 152 -16.42 18.09 -9.34
CA ARG A 152 -15.48 17.14 -9.91
C ARG A 152 -15.52 17.08 -11.44
N SER A 153 -14.35 17.05 -12.05
CA SER A 153 -14.23 16.98 -13.51
C SER A 153 -14.44 15.56 -13.98
N TRP A 154 -15.60 15.28 -14.55
CA TRP A 154 -15.90 13.94 -15.03
C TRP A 154 -16.44 13.96 -16.44
N SER A 155 -16.47 12.79 -17.06
CA SER A 155 -16.94 12.66 -18.43
C SER A 155 -17.04 11.19 -18.78
N ILE A 156 -17.98 10.85 -19.64
CA ILE A 156 -18.10 9.45 -20.02
C ILE A 156 -17.93 9.38 -21.53
N VAL A 157 -17.49 8.22 -22.01
CA VAL A 157 -17.23 8.02 -23.43
C VAL A 157 -17.47 6.57 -23.81
N ALA A 158 -18.19 6.38 -24.90
CA ALA A 158 -18.45 5.02 -25.40
C ALA A 158 -17.16 4.49 -26.00
N SER A 159 -16.90 3.21 -25.84
CA SER A 159 -15.65 2.71 -26.36
C SER A 159 -15.58 1.23 -26.69
N SER A 160 -14.68 0.90 -27.61
CA SER A 160 -14.41 -0.47 -27.98
C SER A 160 -12.90 -0.56 -27.90
N ALA A 161 -12.37 -0.63 -26.68
CA ALA A 161 -10.94 -0.71 -26.45
C ALA A 161 -10.32 -1.65 -27.45
N ILE A 162 -10.90 -2.84 -27.57
CA ILE A 162 -10.40 -3.85 -28.49
C ILE A 162 -10.06 -3.28 -29.87
N LYS A 163 -10.96 -2.52 -30.45
CA LYS A 163 -10.74 -1.90 -31.75
C LYS A 163 -10.19 -0.49 -31.52
N GLY A 164 -9.89 -0.19 -30.26
CA GLY A 164 -9.35 1.12 -29.92
C GLY A 164 -10.30 2.26 -30.16
N GLU A 165 -11.59 1.95 -30.31
CA GLU A 165 -12.58 3.00 -30.56
C GLU A 165 -12.99 3.77 -29.32
N GLY A 166 -12.80 5.09 -29.36
CA GLY A 166 -13.18 5.93 -28.24
C GLY A 166 -12.01 6.28 -27.33
N ILE A 167 -11.07 5.36 -27.22
CA ILE A 167 -9.90 5.52 -26.37
C ILE A 167 -9.12 6.82 -26.50
N THR A 168 -8.83 7.21 -27.73
CA THR A 168 -8.07 8.42 -27.97
C THR A 168 -8.93 9.65 -27.67
N GLU A 169 -10.16 9.61 -28.13
CA GLU A 169 -11.04 10.73 -27.90
C GLU A 169 -11.15 10.95 -26.38
N GLY A 170 -11.29 9.87 -25.64
CA GLY A 170 -11.42 9.99 -24.20
C GLY A 170 -10.18 10.51 -23.51
N LEU A 171 -9.03 9.85 -23.75
CA LEU A 171 -7.76 10.26 -23.15
C LEU A 171 -7.45 11.69 -23.48
N ASP A 172 -7.73 12.09 -24.72
CA ASP A 172 -7.51 13.46 -25.14
C ASP A 172 -8.15 14.42 -24.13
N TRP A 173 -9.44 14.22 -23.91
CA TRP A 173 -10.22 15.01 -22.95
C TRP A 173 -9.53 15.01 -21.59
N LEU A 174 -9.34 13.79 -21.05
CA LEU A 174 -8.71 13.59 -19.74
C LEU A 174 -7.42 14.35 -19.57
N ILE A 175 -6.47 14.07 -20.45
CA ILE A 175 -5.19 14.75 -20.40
C ILE A 175 -5.33 16.25 -20.27
N ASP A 176 -6.19 16.86 -21.07
CA ASP A 176 -6.33 18.31 -21.01
C ASP A 176 -6.78 18.76 -19.63
N VAL A 177 -7.75 18.04 -19.08
CA VAL A 177 -8.27 18.33 -17.74
C VAL A 177 -7.14 18.23 -16.73
N ILE A 178 -6.42 17.12 -16.76
CA ILE A 178 -5.28 16.92 -15.87
C ILE A 178 -4.29 18.09 -16.00
N LYS A 179 -3.87 18.36 -17.23
CA LYS A 179 -2.92 19.43 -17.49
C LYS A 179 -3.42 20.71 -16.88
N GLU A 180 -4.63 21.10 -17.25
CA GLU A 180 -5.24 22.32 -16.75
C GLU A 180 -5.12 22.39 -15.23
N GLU A 181 -5.68 21.39 -14.56
CA GLU A 181 -5.66 21.28 -13.11
C GLU A 181 -4.26 21.40 -12.50
N GLN A 182 -3.25 20.96 -13.22
CA GLN A 182 -1.88 21.04 -12.73
C GLN A 182 -1.34 22.47 -12.79
N LEU A 183 -1.87 23.25 -13.74
CA LEU A 183 -1.46 24.64 -13.93
C LEU A 183 -1.79 25.45 -12.68
N GLY B 2 0.35 -22.19 18.91
CA GLY B 2 0.71 -20.84 19.41
C GLY B 2 -0.46 -20.00 19.88
N ASN B 3 -1.46 -20.63 20.49
CA ASN B 3 -2.63 -19.93 20.94
C ASN B 3 -2.50 -18.96 22.09
N ILE B 4 -1.44 -19.04 22.88
CA ILE B 4 -1.28 -18.06 23.93
C ILE B 4 -0.96 -16.75 23.21
N PHE B 5 -0.15 -16.84 22.17
CA PHE B 5 0.19 -15.66 21.40
C PHE B 5 -1.09 -15.11 20.81
N SER B 6 -1.90 -15.98 20.24
CA SER B 6 -3.14 -15.53 19.63
C SER B 6 -4.05 -14.87 20.67
N SER B 7 -4.15 -15.45 21.87
CA SER B 7 -4.98 -14.87 22.94
C SER B 7 -4.44 -13.48 23.29
N MET B 8 -3.13 -13.31 23.20
CA MET B 8 -2.54 -12.01 23.48
C MET B 8 -2.96 -10.99 22.42
N PHE B 9 -2.86 -11.40 21.15
CA PHE B 9 -3.25 -10.52 20.06
C PHE B 9 -4.77 -10.31 19.98
N ASP B 10 -5.54 -11.17 20.63
CA ASP B 10 -6.98 -10.97 20.61
C ASP B 10 -7.35 -9.71 21.39
N LYS B 11 -6.42 -9.22 22.21
CA LYS B 11 -6.71 -8.04 23.01
C LYS B 11 -6.77 -6.82 22.13
N LEU B 12 -6.41 -6.96 20.86
CA LEU B 12 -6.46 -5.82 19.96
C LEU B 12 -7.72 -5.86 19.11
N TRP B 13 -8.58 -6.83 19.39
CA TRP B 13 -9.82 -6.93 18.64
C TRP B 13 -10.74 -5.81 19.11
N GLY B 14 -11.36 -5.12 18.16
CA GLY B 14 -12.24 -4.02 18.50
C GLY B 14 -11.79 -2.72 17.87
N SER B 15 -10.52 -2.63 17.53
CA SER B 15 -10.00 -1.42 16.89
C SER B 15 -10.88 -1.12 15.68
N ASN B 16 -11.28 0.15 15.51
CA ASN B 16 -12.14 0.52 14.39
C ASN B 16 -11.47 0.48 13.02
N LYS B 17 -10.20 0.07 12.99
CA LYS B 17 -9.43 -0.05 11.75
C LYS B 17 -8.35 -1.10 11.93
N GLU B 18 -8.17 -1.97 10.94
CA GLU B 18 -7.15 -3.01 11.06
C GLU B 18 -5.84 -2.38 11.53
N LEU B 19 -5.19 -3.02 12.50
CA LEU B 19 -3.92 -2.52 13.03
C LEU B 19 -2.74 -3.18 12.34
N ARG B 20 -1.65 -2.44 12.27
CA ARG B 20 -0.42 -2.91 11.64
C ARG B 20 0.80 -2.77 12.52
N ILE B 21 1.61 -3.82 12.55
CA ILE B 21 2.85 -3.85 13.33
C ILE B 21 4.01 -4.22 12.41
N LEU B 22 5.07 -3.42 12.46
CA LEU B 22 6.22 -3.66 11.60
C LEU B 22 7.38 -4.20 12.43
N ILE B 23 7.93 -5.32 11.96
CA ILE B 23 9.06 -5.93 12.62
C ILE B 23 10.25 -5.59 11.73
N LEU B 24 11.06 -4.65 12.20
CA LEU B 24 12.19 -4.16 11.41
C LEU B 24 13.57 -4.29 12.02
N GLY B 25 14.58 -4.07 11.16
CA GLY B 25 15.97 -4.14 11.60
C GLY B 25 16.89 -4.68 10.52
N LEU B 26 18.21 -4.55 10.76
CA LEU B 26 19.20 -5.03 9.80
C LEU B 26 19.00 -6.52 9.61
N ASP B 27 19.27 -7.04 8.42
CA ASP B 27 19.10 -8.49 8.21
C ASP B 27 19.94 -9.25 9.22
N GLY B 28 19.58 -10.51 9.45
CA GLY B 28 20.30 -11.32 10.41
C GLY B 28 19.91 -11.08 11.85
N ALA B 29 19.23 -9.97 12.13
CA ALA B 29 18.83 -9.67 13.51
C ALA B 29 17.89 -10.73 14.07
N GLY B 30 17.24 -11.48 13.18
CA GLY B 30 16.33 -12.53 13.63
C GLY B 30 14.85 -12.17 13.57
N LYS B 31 14.52 -11.22 12.70
CA LYS B 31 13.14 -10.80 12.55
C LYS B 31 12.26 -11.95 12.08
N THR B 32 12.63 -12.57 10.97
CA THR B 32 11.86 -13.69 10.45
C THR B 32 11.58 -14.70 11.55
N THR B 33 12.63 -15.14 12.22
CA THR B 33 12.47 -16.11 13.31
C THR B 33 11.32 -15.70 14.25
N ILE B 34 11.38 -14.47 14.77
CA ILE B 34 10.34 -14.00 15.66
C ILE B 34 8.97 -14.18 15.03
N LEU B 35 8.84 -13.77 13.78
CA LEU B 35 7.55 -13.88 13.10
C LEU B 35 7.05 -15.33 13.07
N TYR B 36 7.92 -16.25 12.69
CA TYR B 36 7.49 -17.63 12.63
C TYR B 36 7.31 -18.17 14.03
N ARG B 37 7.96 -17.54 15.00
CA ARG B 37 7.83 -18.00 16.36
C ARG B 37 6.39 -17.99 16.83
N LEU B 38 5.64 -16.96 16.41
CA LEU B 38 4.24 -16.78 16.81
C LEU B 38 3.31 -17.95 16.51
N GLN B 39 3.51 -18.60 15.38
CA GLN B 39 2.67 -19.74 15.05
C GLN B 39 1.15 -19.44 15.08
N ILE B 40 0.76 -18.32 14.52
CA ILE B 40 -0.66 -17.96 14.45
C ILE B 40 -0.95 -17.48 13.04
N GLY B 41 -2.23 -17.30 12.70
CA GLY B 41 -2.57 -16.83 11.36
C GLY B 41 -1.69 -17.36 10.22
N GLU B 42 -1.72 -16.67 9.08
CA GLU B 42 -0.93 -17.11 7.92
C GLU B 42 0.10 -16.09 7.45
N VAL B 43 1.23 -16.59 6.93
CA VAL B 43 2.30 -15.72 6.46
C VAL B 43 2.49 -15.87 4.95
N VAL B 44 2.65 -14.76 4.24
CA VAL B 44 2.85 -14.79 2.80
C VAL B 44 3.92 -13.76 2.40
N THR B 45 4.81 -14.17 1.51
CA THR B 45 5.89 -13.30 1.05
C THR B 45 5.51 -12.59 -0.22
N THR B 46 5.82 -11.31 -0.29
CA THR B 46 5.50 -10.52 -1.47
C THR B 46 6.63 -9.56 -1.86
N LYS B 47 6.71 -9.25 -3.15
CA LYS B 47 7.74 -8.35 -3.68
C LYS B 47 7.09 -7.14 -4.37
N PRO B 48 6.48 -6.24 -3.57
CA PRO B 48 5.82 -5.04 -4.09
C PRO B 48 6.67 -4.26 -5.13
N THR B 49 7.88 -3.88 -4.75
CA THR B 49 8.76 -3.16 -5.66
C THR B 49 9.86 -4.16 -6.04
N ILE B 50 10.84 -3.73 -6.83
CA ILE B 50 11.94 -4.62 -7.19
C ILE B 50 12.99 -4.59 -6.08
N GLY B 51 13.67 -5.72 -5.87
CA GLY B 51 14.68 -5.78 -4.84
C GLY B 51 14.13 -5.36 -3.49
N PHE B 52 12.95 -5.89 -3.16
CA PHE B 52 12.29 -5.57 -1.91
C PHE B 52 11.28 -6.69 -1.59
N ASN B 53 11.52 -7.38 -0.48
CA ASN B 53 10.65 -8.47 -0.08
C ASN B 53 10.06 -8.35 1.32
N VAL B 54 8.74 -8.31 1.38
CA VAL B 54 8.02 -8.21 2.63
C VAL B 54 7.33 -9.52 2.99
N GLU B 55 7.53 -9.94 4.23
CA GLU B 55 6.91 -11.14 4.74
C GLU B 55 5.79 -10.62 5.64
N THR B 56 4.55 -11.03 5.33
CA THR B 56 3.39 -10.56 6.07
C THR B 56 2.61 -11.64 6.77
N LEU B 57 2.42 -11.45 8.08
CA LEU B 57 1.64 -12.37 8.88
C LEU B 57 0.33 -11.66 9.14
N SER B 58 -0.75 -12.31 8.74
CA SER B 58 -2.08 -11.74 8.88
C SER B 58 -2.85 -12.50 9.92
N TYR B 59 -3.20 -11.80 11.01
CA TYR B 59 -3.94 -12.43 12.08
C TYR B 59 -5.18 -11.65 12.43
N LYS B 60 -6.33 -12.33 12.33
CA LYS B 60 -7.65 -11.80 12.63
C LYS B 60 -7.66 -10.33 13.01
N ASN B 61 -7.56 -9.40 12.04
CA ASN B 61 -7.67 -7.98 12.36
C ASN B 61 -6.31 -7.27 12.54
N LEU B 62 -5.21 -8.00 12.51
CA LEU B 62 -3.87 -7.40 12.68
C LEU B 62 -2.98 -7.79 11.48
N LYS B 63 -2.00 -6.94 11.18
CA LYS B 63 -1.06 -7.24 10.10
C LYS B 63 0.34 -7.08 10.64
N LEU B 64 1.17 -8.09 10.44
CA LEU B 64 2.54 -8.03 10.88
C LEU B 64 3.39 -8.02 9.62
N ASN B 65 4.22 -6.99 9.50
CA ASN B 65 5.05 -6.90 8.31
C ASN B 65 6.52 -6.87 8.68
N VAL B 66 7.30 -7.70 7.97
CA VAL B 66 8.73 -7.77 8.22
C VAL B 66 9.59 -7.65 6.97
N TRP B 67 10.46 -6.65 6.96
CA TRP B 67 11.38 -6.44 5.86
C TRP B 67 12.69 -5.91 6.43
N ASP B 68 13.80 -6.25 5.77
CA ASP B 68 15.14 -5.83 6.19
C ASP B 68 15.49 -4.36 5.89
N LEU B 69 16.23 -3.75 6.81
CA LEU B 69 16.63 -2.35 6.65
C LEU B 69 18.08 -2.21 6.20
N GLY B 70 18.34 -1.23 5.35
CA GLY B 70 19.69 -1.00 4.86
C GLY B 70 19.87 -1.44 3.42
N ILE B 75 15.95 4.35 2.74
CA ILE B 75 14.54 4.21 3.11
C ILE B 75 13.59 4.41 1.91
N ARG B 76 13.73 3.55 0.91
CA ARG B 76 12.92 3.60 -0.31
C ARG B 76 11.43 3.82 -0.02
N PRO B 77 10.87 4.93 -0.53
CA PRO B 77 9.47 5.32 -0.35
C PRO B 77 8.39 4.28 -0.60
N TYR B 78 8.76 3.10 -1.11
CA TYR B 78 7.77 2.07 -1.33
C TYR B 78 7.24 1.63 0.05
N TRP B 79 8.03 1.90 1.08
CA TRP B 79 7.65 1.56 2.45
C TRP B 79 6.62 2.51 3.03
N ARG B 80 6.79 3.81 2.78
CA ARG B 80 5.86 4.82 3.30
C ARG B 80 4.41 4.36 3.28
N CYS B 81 4.16 3.36 2.47
CA CYS B 81 2.85 2.75 2.19
C CYS B 81 2.33 2.06 3.45
N TYR B 82 3.18 1.64 4.33
CA TYR B 82 2.78 0.87 5.51
C TYR B 82 2.67 1.70 6.78
N TYR B 83 3.35 2.84 6.81
CA TYR B 83 3.35 3.69 8.00
C TYR B 83 1.99 4.24 8.42
N ALA B 84 1.05 4.27 7.48
CA ALA B 84 -0.28 4.77 7.75
C ALA B 84 -0.96 4.14 8.97
N ASP B 85 -1.35 2.87 8.82
CA ASP B 85 -2.02 2.14 9.88
C ASP B 85 -1.09 1.51 10.93
N THR B 86 0.21 1.72 10.78
CA THR B 86 1.19 1.18 11.72
C THR B 86 0.97 1.67 13.15
N ALA B 87 0.82 0.71 14.06
CA ALA B 87 0.56 1.01 15.48
C ALA B 87 1.80 0.94 16.30
N ALA B 88 2.80 0.26 15.79
CA ALA B 88 4.04 0.13 16.51
C ALA B 88 5.05 -0.59 15.66
N VAL B 89 6.31 -0.48 16.06
CA VAL B 89 7.37 -1.14 15.36
C VAL B 89 8.19 -1.93 16.38
N ILE B 90 8.49 -3.15 16.00
CA ILE B 90 9.30 -4.03 16.82
C ILE B 90 10.67 -3.99 16.19
N PHE B 91 11.63 -3.38 16.88
CA PHE B 91 12.97 -3.29 16.32
C PHE B 91 13.89 -4.40 16.80
N VAL B 92 14.24 -5.29 15.88
CA VAL B 92 15.09 -6.44 16.16
C VAL B 92 16.55 -6.10 15.89
N VAL B 93 17.38 -6.19 16.93
CA VAL B 93 18.82 -5.89 16.83
C VAL B 93 19.66 -7.09 17.19
N ASP B 94 20.59 -7.46 16.33
CA ASP B 94 21.46 -8.59 16.63
C ASP B 94 22.52 -8.15 17.63
N SER B 95 22.44 -8.66 18.86
CA SER B 95 23.37 -8.27 19.92
C SER B 95 24.83 -8.75 19.80
N THR B 96 25.10 -9.62 18.81
CA THR B 96 26.44 -10.14 18.60
C THR B 96 26.99 -9.61 17.29
N ASP B 97 26.81 -8.31 17.08
CA ASP B 97 27.30 -7.66 15.86
C ASP B 97 27.59 -6.21 16.21
N LYS B 98 28.66 -6.01 16.97
CA LYS B 98 29.06 -4.67 17.40
C LYS B 98 29.39 -3.76 16.22
N ASP B 99 29.72 -4.35 15.08
CA ASP B 99 30.05 -3.58 13.88
C ASP B 99 28.81 -2.79 13.40
N ARG B 100 27.92 -3.51 12.73
CA ARG B 100 26.69 -2.94 12.18
C ARG B 100 25.86 -2.23 13.23
N MET B 101 26.18 -2.48 14.51
CA MET B 101 25.46 -1.87 15.62
C MET B 101 25.25 -0.38 15.34
N SER B 102 26.25 0.24 14.71
CA SER B 102 26.19 1.67 14.36
C SER B 102 25.14 1.88 13.26
N THR B 103 25.29 1.12 12.18
CA THR B 103 24.35 1.19 11.07
C THR B 103 22.92 1.14 11.61
N ALA B 104 22.61 0.04 12.30
CA ALA B 104 21.28 -0.17 12.89
C ALA B 104 20.77 1.08 13.60
N SER B 105 21.52 1.57 14.59
CA SER B 105 21.11 2.76 15.30
C SER B 105 20.67 3.85 14.32
N LYS B 106 21.38 3.94 13.19
CA LYS B 106 21.03 4.94 12.20
C LYS B 106 19.66 4.60 11.61
N GLU B 107 19.60 3.50 10.86
CA GLU B 107 18.37 3.03 10.23
C GLU B 107 17.15 3.16 11.14
N LEU B 108 17.35 2.90 12.44
CA LEU B 108 16.28 2.96 13.43
C LEU B 108 15.77 4.37 13.62
N HIS B 109 16.68 5.34 13.70
CA HIS B 109 16.24 6.71 13.88
C HIS B 109 15.62 7.31 12.63
N LEU B 110 16.13 6.93 11.46
CA LEU B 110 15.58 7.42 10.20
C LEU B 110 14.13 7.01 10.25
N MET B 111 13.92 5.72 10.51
CA MET B 111 12.58 5.14 10.62
C MET B 111 11.74 5.93 11.62
N LEU B 112 12.17 5.94 12.89
CA LEU B 112 11.45 6.66 13.94
C LEU B 112 11.35 8.17 13.70
N GLN B 113 11.91 8.64 12.59
CA GLN B 113 11.85 10.07 12.27
C GLN B 113 10.75 10.39 11.26
N GLU B 114 10.15 9.34 10.68
CA GLU B 114 9.06 9.47 9.71
C GLU B 114 7.86 10.12 10.43
N GLU B 115 7.10 10.93 9.70
CA GLU B 115 5.96 11.64 10.29
C GLU B 115 4.78 10.76 10.70
N GLU B 116 4.42 9.80 9.86
CA GLU B 116 3.30 8.91 10.14
C GLU B 116 3.54 7.97 11.33
N LEU B 117 4.80 7.76 11.69
CA LEU B 117 5.12 6.87 12.80
C LEU B 117 5.23 7.70 14.06
N GLN B 118 4.72 8.92 13.99
CA GLN B 118 4.75 9.85 15.12
C GLN B 118 4.28 9.22 16.44
N ASP B 119 3.28 8.35 16.36
CA ASP B 119 2.72 7.74 17.56
C ASP B 119 3.02 6.27 17.80
N ALA B 120 3.61 5.62 16.80
CA ALA B 120 3.96 4.22 16.91
C ALA B 120 4.75 3.93 18.19
N ALA B 121 4.38 2.84 18.86
CA ALA B 121 5.09 2.42 20.07
C ALA B 121 6.31 1.62 19.60
N LEU B 122 7.36 1.61 20.39
CA LEU B 122 8.56 0.90 20.00
C LEU B 122 8.98 -0.17 21.00
N LEU B 123 9.25 -1.36 20.48
CA LEU B 123 9.71 -2.46 21.27
C LEU B 123 11.00 -2.90 20.60
N VAL B 124 12.11 -2.83 21.31
CA VAL B 124 13.38 -3.23 20.75
C VAL B 124 13.76 -4.58 21.30
N PHE B 125 14.22 -5.46 20.43
CA PHE B 125 14.60 -6.79 20.86
C PHE B 125 16.10 -6.97 20.78
N ALA B 126 16.79 -6.84 21.92
CA ALA B 126 18.22 -7.15 22.00
C ALA B 126 18.29 -8.66 21.80
N ASN B 127 18.32 -9.08 20.55
CA ASN B 127 18.26 -10.51 20.29
C ASN B 127 19.59 -11.24 20.23
N LYS B 128 19.51 -12.57 20.37
CA LYS B 128 20.68 -13.45 20.36
C LYS B 128 21.50 -13.43 21.67
N GLN B 129 20.83 -13.12 22.77
CA GLN B 129 21.48 -13.08 24.06
C GLN B 129 22.08 -14.43 24.43
N ASP B 130 21.69 -15.47 23.73
CA ASP B 130 22.20 -16.79 24.03
C ASP B 130 23.61 -16.98 23.45
N GLN B 131 23.97 -16.14 22.49
CA GLN B 131 25.27 -16.23 21.83
C GLN B 131 26.43 -15.59 22.58
N PRO B 132 27.63 -16.14 22.36
CA PRO B 132 28.88 -15.68 22.98
C PRO B 132 29.22 -14.27 22.54
N GLY B 133 29.37 -13.37 23.50
CA GLY B 133 29.71 -12.01 23.14
C GLY B 133 28.57 -11.20 22.60
N ALA B 134 27.46 -11.19 23.34
CA ALA B 134 26.29 -10.44 22.93
C ALA B 134 26.07 -9.32 23.91
N LEU B 135 26.13 -8.08 23.43
CA LEU B 135 25.92 -6.93 24.30
C LEU B 135 24.64 -7.07 25.12
N SER B 136 24.66 -6.58 26.34
CA SER B 136 23.49 -6.63 27.21
C SER B 136 22.37 -5.79 26.60
N ALA B 137 21.18 -5.95 27.16
CA ALA B 137 20.04 -5.18 26.71
C ALA B 137 20.42 -3.73 26.93
N SER B 138 20.72 -3.37 28.18
CA SER B 138 21.09 -2.00 28.53
C SER B 138 22.24 -1.47 27.68
N GLU B 139 23.13 -2.35 27.26
CA GLU B 139 24.23 -1.93 26.42
C GLU B 139 23.70 -1.46 25.09
N VAL B 140 22.61 -2.07 24.63
CA VAL B 140 22.00 -1.70 23.36
C VAL B 140 21.11 -0.45 23.51
N SER B 141 20.42 -0.35 24.63
CA SER B 141 19.59 0.81 24.88
C SER B 141 20.48 2.05 24.81
N LYS B 142 21.76 1.85 25.07
CA LYS B 142 22.73 2.95 25.03
C LYS B 142 23.22 3.20 23.60
N GLU B 143 23.60 2.13 22.92
CA GLU B 143 24.11 2.19 21.54
C GLU B 143 23.07 2.67 20.53
N LEU B 144 21.81 2.70 20.93
CA LEU B 144 20.74 3.14 20.04
C LEU B 144 20.22 4.50 20.49
N ASN B 145 20.66 4.95 21.66
CA ASN B 145 20.23 6.25 22.21
C ASN B 145 18.75 6.24 22.56
N LEU B 146 18.20 5.05 22.76
CA LEU B 146 16.79 4.92 23.09
C LEU B 146 16.46 5.84 24.26
N VAL B 147 17.51 6.30 24.95
CA VAL B 147 17.31 7.19 26.09
C VAL B 147 16.94 8.58 25.59
N GLU B 148 17.60 9.00 24.50
CA GLU B 148 17.36 10.31 23.89
C GLU B 148 15.97 10.41 23.25
N LEU B 149 15.40 9.26 22.88
CA LEU B 149 14.07 9.25 22.26
C LEU B 149 13.05 9.86 23.24
N LYS B 150 12.28 10.82 22.77
CA LYS B 150 11.28 11.48 23.61
C LYS B 150 9.90 11.52 22.96
N ASP B 151 8.87 11.66 23.81
CA ASP B 151 7.49 11.70 23.35
C ASP B 151 7.23 10.43 22.52
N ARG B 152 7.36 9.28 23.17
CA ARG B 152 7.15 7.99 22.51
C ARG B 152 7.20 6.80 23.44
N SER B 153 6.27 5.85 23.27
CA SER B 153 6.24 4.66 24.11
C SER B 153 7.26 3.64 23.58
N TRP B 154 8.37 3.51 24.28
CA TRP B 154 9.39 2.56 23.85
C TRP B 154 9.82 1.69 25.02
N SER B 155 10.51 0.61 24.68
CA SER B 155 10.99 -0.35 25.66
C SER B 155 11.95 -1.30 24.97
N ILE B 156 12.93 -1.81 25.72
CA ILE B 156 13.85 -2.75 25.14
C ILE B 156 13.76 -4.03 25.95
N VAL B 157 14.07 -5.16 25.31
CA VAL B 157 13.98 -6.45 25.97
C VAL B 157 15.05 -7.39 25.44
N ALA B 158 15.71 -8.11 26.34
CA ALA B 158 16.75 -9.06 25.94
C ALA B 158 16.01 -10.28 25.39
N SER B 159 16.55 -10.89 24.35
CA SER B 159 15.85 -12.03 23.78
C SER B 159 16.68 -13.06 23.02
N SER B 160 16.13 -14.26 22.98
CA SER B 160 16.68 -15.41 22.28
C SER B 160 15.54 -15.95 21.46
N ALA B 161 15.14 -15.19 20.43
CA ALA B 161 14.04 -15.59 19.59
C ALA B 161 14.08 -17.08 19.33
N ILE B 162 15.25 -17.56 18.92
CA ILE B 162 15.42 -18.97 18.63
C ILE B 162 14.82 -19.87 19.73
N LYS B 163 15.13 -19.59 20.99
CA LYS B 163 14.59 -20.40 22.09
C LYS B 163 13.32 -19.69 22.58
N GLY B 164 12.90 -18.67 21.83
CA GLY B 164 11.71 -17.93 22.19
C GLY B 164 11.80 -17.18 23.51
N GLU B 165 13.02 -16.98 23.99
CA GLU B 165 13.19 -16.28 25.25
C GLU B 165 13.07 -14.77 25.14
N GLY B 166 12.16 -14.22 25.94
CA GLY B 166 11.94 -12.78 25.95
C GLY B 166 10.79 -12.33 25.07
N ILE B 167 10.59 -13.06 23.98
CA ILE B 167 9.54 -12.76 23.02
C ILE B 167 8.17 -12.48 23.59
N THR B 168 7.67 -13.38 24.44
CA THR B 168 6.36 -13.22 25.02
C THR B 168 6.33 -12.05 25.98
N GLU B 169 7.34 -11.96 26.83
CA GLU B 169 7.41 -10.88 27.80
C GLU B 169 7.36 -9.55 27.04
N GLY B 170 8.11 -9.47 25.94
CA GLY B 170 8.13 -8.27 25.12
C GLY B 170 6.80 -7.90 24.45
N LEU B 171 6.26 -8.84 23.68
CA LEU B 171 5.00 -8.64 22.98
C LEU B 171 3.92 -8.28 23.99
N ASP B 172 3.98 -8.90 25.16
CA ASP B 172 2.97 -8.65 26.19
C ASP B 172 2.92 -7.13 26.41
N TRP B 173 4.08 -6.59 26.76
CA TRP B 173 4.22 -5.16 27.00
C TRP B 173 3.66 -4.37 25.81
N LEU B 174 4.18 -4.66 24.60
CA LEU B 174 3.80 -3.97 23.40
C LEU B 174 2.31 -3.94 23.19
N ILE B 175 1.70 -5.12 23.20
CA ILE B 175 0.27 -5.23 22.99
C ILE B 175 -0.50 -4.33 23.95
N ASP B 176 -0.20 -4.37 25.24
CA ASP B 176 -0.91 -3.47 26.17
C ASP B 176 -0.79 -2.00 25.75
N VAL B 177 0.41 -1.57 25.41
CA VAL B 177 0.64 -0.20 24.97
C VAL B 177 -0.27 0.13 23.76
N ILE B 178 -0.21 -0.71 22.74
CA ILE B 178 -0.98 -0.52 21.53
C ILE B 178 -2.44 -0.42 21.88
N LYS B 179 -2.93 -1.39 22.66
CA LYS B 179 -4.32 -1.40 23.07
C LYS B 179 -4.70 -0.10 23.75
N GLU B 180 -3.91 0.28 24.74
CA GLU B 180 -4.14 1.52 25.48
C GLU B 180 -4.32 2.66 24.52
N GLU B 181 -3.28 2.88 23.71
CA GLU B 181 -3.23 3.93 22.71
C GLU B 181 -4.45 3.96 21.80
N GLN B 182 -4.99 2.78 21.52
CA GLN B 182 -6.16 2.67 20.66
C GLN B 182 -7.42 3.16 21.35
N LEU B 183 -7.47 2.98 22.67
CA LEU B 183 -8.61 3.42 23.47
C LEU B 183 -8.84 4.91 23.34
#